data_7RQ0
#
_entry.id   7RQ0
#
_cell.length_a   46.417
_cell.length_b   46.417
_cell.length_c   138.297
_cell.angle_alpha   90.00
_cell.angle_beta   90.00
_cell.angle_gamma   90.00
#
_symmetry.space_group_name_H-M   'P 43'
#
loop_
_entity.id
_entity.type
_entity.pdbx_description
1 polymer Integrase
2 non-polymer 'SULFATE ION'
3 non-polymer 'IODIDE ION'
4 non-polymer '{2-[(3-{[4-(2-{[(3-{[3-(carboxymethyl)-5-methyl-1-benzofuran-2-yl]ethynyl}phenyl)methyl]amino}ethyl)piperazin-1-yl]methyl}phenyl)ethynyl]-5-methyl-1-benzofuran-3-yl}acetic acid'
5 water water
#
_entity_poly.entity_id   1
_entity_poly.type   'polypeptide(L)'
_entity_poly.pdbx_seq_one_letter_code
;MHGEVDSSPGIWQLDCTHLEGKVILVAVHVASGYIEAEVIPAETGQETAYFLLKLAGRWPVKTVHTDNGSNFTSTTVKAA
CEWAGIKQEFGIPYNPQSQGVIESMNKELKKIIGQVRDQAEHLKTAVQMAVFIHNKKRKGGIGGYSAGERIVDIIATDIE
TKE
;
_entity_poly.pdbx_strand_id   A,B
#
loop_
_chem_comp.id
_chem_comp.type
_chem_comp.name
_chem_comp.formula
6I2 non-polymer '{2-[(3-{[4-(2-{[(3-{[3-(carboxymethyl)-5-methyl-1-benzofuran-2-yl]ethynyl}phenyl)methyl]amino}ethyl)piperazin-1-yl]methyl}phenyl)ethynyl]-5-methyl-1-benzofuran-3-yl}acetic acid' 'C46 H43 N3 O6'
IOD non-polymer 'IODIDE ION' 'I -1'
SO4 non-polymer 'SULFATE ION' 'O4 S -2'
#
# COMPACT_ATOMS: atom_id res chain seq x y z
N SER A 8 -3.32 -5.91 19.53
CA SER A 8 -3.18 -6.68 18.30
C SER A 8 -2.25 -5.98 17.29
N PRO A 9 -0.94 -5.94 17.60
CA PRO A 9 -0.03 -5.13 16.76
C PRO A 9 -0.01 -5.56 15.31
N GLY A 10 0.31 -6.83 15.05
CA GLY A 10 0.44 -7.32 13.70
C GLY A 10 -0.63 -8.31 13.30
N ILE A 11 -1.81 -8.23 13.94
CA ILE A 11 -2.92 -9.14 13.68
C ILE A 11 -3.89 -8.50 12.69
N TRP A 12 -4.15 -9.24 11.62
CA TRP A 12 -4.99 -8.81 10.51
C TRP A 12 -5.99 -9.88 10.19
N GLN A 13 -7.03 -9.47 9.49
CA GLN A 13 -7.97 -10.39 8.90
C GLN A 13 -8.43 -10.00 7.52
N LEU A 14 -8.66 -11.06 6.75
CA LEU A 14 -8.67 -11.03 5.30
C LEU A 14 -10.00 -11.67 4.91
N ASP A 15 -10.81 -10.92 4.20
CA ASP A 15 -12.09 -11.39 3.69
C ASP A 15 -12.17 -10.97 2.22
N CYS A 16 -13.22 -11.42 1.56
CA CYS A 16 -13.56 -11.06 0.21
C CYS A 16 -14.99 -10.54 0.21
N THR A 17 -15.24 -9.48 -0.54
CA THR A 17 -16.62 -9.09 -0.83
C THR A 17 -16.76 -8.89 -2.34
N HIS A 18 -17.98 -8.59 -2.79
CA HIS A 18 -18.25 -8.58 -4.23
C HIS A 18 -19.09 -7.38 -4.62
N LEU A 19 -18.73 -6.77 -5.75
CA LEU A 19 -19.59 -5.79 -6.38
C LEU A 19 -19.37 -5.85 -7.89
N GLU A 20 -20.45 -5.62 -8.63
CA GLU A 20 -20.41 -5.49 -10.08
C GLU A 20 -19.78 -6.71 -10.74
N GLY A 21 -20.02 -7.88 -10.17
CA GLY A 21 -19.45 -9.10 -10.71
C GLY A 21 -17.97 -9.23 -10.49
N LYS A 22 -17.45 -8.60 -9.44
CA LYS A 22 -16.02 -8.59 -9.18
C LYS A 22 -15.76 -8.92 -7.73
N VAL A 23 -14.51 -9.26 -7.45
CA VAL A 23 -14.05 -9.65 -6.13
C VAL A 23 -13.17 -8.53 -5.58
N ILE A 24 -13.47 -8.09 -4.37
CA ILE A 24 -12.64 -7.14 -3.62
C ILE A 24 -12.05 -7.89 -2.44
N LEU A 25 -10.73 -7.95 -2.38
CA LEU A 25 -10.00 -8.50 -1.25
C LEU A 25 -9.79 -7.37 -0.24
N VAL A 26 -10.16 -7.62 1.02
CA VAL A 26 -10.19 -6.62 2.07
C VAL A 26 -9.38 -7.16 3.24
N ALA A 27 -8.32 -6.45 3.61
CA ALA A 27 -7.57 -6.72 4.82
C ALA A 27 -7.93 -5.69 5.87
N VAL A 28 -8.22 -6.15 7.08
CA VAL A 28 -8.53 -5.27 8.20
C VAL A 28 -7.49 -5.45 9.29
N HIS A 29 -6.89 -4.34 9.72
CA HIS A 29 -6.06 -4.33 10.91
C HIS A 29 -7.00 -4.32 12.10
N VAL A 30 -7.00 -5.41 12.88
CA VAL A 30 -8.11 -5.66 13.78
C VAL A 30 -8.20 -4.57 14.85
N ALA A 31 -7.06 -4.18 15.42
CA ALA A 31 -7.14 -3.30 16.59
C ALA A 31 -7.47 -1.86 16.19
N SER A 32 -7.17 -1.46 14.96
CA SER A 32 -7.41 -0.09 14.54
C SER A 32 -8.66 0.08 13.68
N GLY A 33 -9.05 -0.94 12.93
CA GLY A 33 -10.04 -0.77 11.88
C GLY A 33 -9.47 -0.30 10.56
N TYR A 34 -8.16 -0.06 10.50
CA TYR A 34 -7.52 0.31 9.25
C TYR A 34 -7.76 -0.75 8.19
N ILE A 35 -7.93 -0.33 6.94
CA ILE A 35 -8.13 -1.30 5.87
C ILE A 35 -7.33 -0.97 4.62
N GLU A 36 -6.99 -2.06 3.92
CA GLU A 36 -6.54 -2.03 2.54
C GLU A 36 -7.44 -3.00 1.77
N ALA A 37 -7.71 -2.67 0.52
CA ALA A 37 -8.53 -3.48 -0.34
C ALA A 37 -7.98 -3.39 -1.75
N GLU A 38 -8.42 -4.33 -2.59
CA GLU A 38 -8.02 -4.39 -3.99
C GLU A 38 -8.99 -5.33 -4.70
N VAL A 39 -9.19 -5.08 -5.99
CA VAL A 39 -10.07 -5.91 -6.81
C VAL A 39 -9.24 -7.09 -7.33
N ILE A 40 -9.65 -8.30 -7.01
CA ILE A 40 -8.91 -9.52 -7.36
C ILE A 40 -9.77 -10.40 -8.22
N PRO A 41 -9.18 -11.39 -8.93
CA PRO A 41 -9.99 -12.27 -9.79
C PRO A 41 -10.59 -13.45 -9.03
N ALA A 42 -9.93 -13.84 -7.95
CA ALA A 42 -10.32 -14.98 -7.12
C ALA A 42 -9.19 -15.35 -6.16
N GLY A 45 -5.48 -16.61 -5.28
CA GLY A 45 -4.32 -17.29 -5.83
C GLY A 45 -3.12 -16.36 -5.84
N GLN A 46 -2.46 -16.23 -7.00
CA GLN A 46 -1.27 -15.39 -7.09
C GLN A 46 -1.52 -13.96 -6.64
N GLU A 47 -2.73 -13.45 -6.86
CA GLU A 47 -3.01 -12.03 -6.62
C GLU A 47 -3.29 -11.75 -5.16
N THR A 48 -3.79 -12.74 -4.42
CA THR A 48 -3.84 -12.68 -2.96
C THR A 48 -2.45 -12.77 -2.35
N ALA A 49 -1.59 -13.63 -2.91
CA ALA A 49 -0.21 -13.68 -2.45
C ALA A 49 0.50 -12.34 -2.67
N TYR A 50 0.33 -11.77 -3.87
CA TYR A 50 0.86 -10.44 -4.16
C TYR A 50 0.32 -9.41 -3.19
N PHE A 51 -1.00 -9.39 -2.99
CA PHE A 51 -1.61 -8.46 -2.03
C PHE A 51 -0.98 -8.59 -0.66
N LEU A 52 -0.81 -9.82 -0.18
CA LEU A 52 -0.26 -10.05 1.14
C LEU A 52 1.18 -9.58 1.23
N LEU A 53 2.00 -9.91 0.23
CA LEU A 53 3.39 -9.47 0.24
C LEU A 53 3.49 -7.95 0.33
N LYS A 54 2.66 -7.25 -0.44
CA LYS A 54 2.73 -5.78 -0.41
C LYS A 54 2.32 -5.24 0.95
N LEU A 55 1.22 -5.77 1.52
CA LEU A 55 0.81 -5.40 2.87
C LEU A 55 1.95 -5.59 3.85
N ALA A 56 2.56 -6.77 3.80
CA ALA A 56 3.61 -7.09 4.78
C ALA A 56 4.83 -6.19 4.64
N GLY A 57 5.08 -5.63 3.45
CA GLY A 57 6.19 -4.70 3.31
C GLY A 57 5.93 -3.35 3.95
N ARG A 58 4.66 -3.02 4.18
CA ARG A 58 4.24 -1.69 4.61
C ARG A 58 3.94 -1.63 6.10
N TRP A 59 3.33 -2.68 6.63
CA TRP A 59 2.90 -2.79 8.02
C TRP A 59 3.51 -4.04 8.61
N PRO A 60 3.58 -4.14 9.93
CA PRO A 60 3.86 -5.43 10.55
C PRO A 60 2.69 -6.36 10.29
N VAL A 61 2.94 -7.45 9.57
CA VAL A 61 1.93 -8.48 9.36
C VAL A 61 2.46 -9.80 9.89
N LYS A 62 1.91 -10.24 11.03
CA LYS A 62 2.35 -11.46 11.70
C LYS A 62 1.32 -12.57 11.67
N THR A 63 0.05 -12.26 11.89
CA THR A 63 -1.02 -13.24 11.78
C THR A 63 -2.16 -12.69 10.94
N VAL A 64 -2.59 -13.48 9.96
CA VAL A 64 -3.70 -13.18 9.09
C VAL A 64 -4.75 -14.25 9.32
N HIS A 65 -5.91 -13.83 9.80
CA HIS A 65 -7.04 -14.72 9.97
C HIS A 65 -7.94 -14.69 8.74
N THR A 66 -8.40 -15.87 8.32
CA THR A 66 -9.46 -16.01 7.34
C THR A 66 -10.50 -16.97 7.92
N ASP A 67 -11.71 -16.89 7.42
CA ASP A 67 -12.80 -17.67 7.97
C ASP A 67 -13.33 -18.74 7.01
N ASN A 68 -12.57 -19.09 5.97
CA ASN A 68 -12.90 -20.27 5.19
C ASN A 68 -11.63 -20.96 4.73
N GLY A 69 -11.80 -21.97 3.87
CA GLY A 69 -10.66 -22.77 3.41
C GLY A 69 -9.97 -22.28 2.17
N SER A 70 -10.55 -21.31 1.46
CA SER A 70 -10.01 -20.93 0.16
C SER A 70 -8.52 -20.64 0.23
N ASN A 71 -8.09 -19.87 1.23
CA ASN A 71 -6.71 -19.43 1.30
C ASN A 71 -5.72 -20.53 1.69
N PHE A 72 -6.21 -21.65 2.22
CA PHE A 72 -5.31 -22.73 2.62
C PHE A 72 -4.97 -23.65 1.47
N THR A 73 -5.58 -23.44 0.29
CA THR A 73 -5.45 -24.32 -0.86
C THR A 73 -4.60 -23.70 -1.97
N SER A 74 -3.83 -22.67 -1.66
CA SER A 74 -3.03 -21.95 -2.65
C SER A 74 -1.56 -22.08 -2.28
N THR A 75 -0.79 -22.76 -3.16
CA THR A 75 0.66 -22.81 -3.05
C THR A 75 1.31 -21.42 -3.15
N THR A 76 0.83 -20.50 -3.97
CA THR A 76 1.49 -19.18 -4.00
C THR A 76 1.24 -18.39 -2.71
N VAL A 77 0.05 -18.53 -2.13
CA VAL A 77 -0.23 -17.88 -0.85
C VAL A 77 0.64 -18.48 0.25
N LYS A 78 0.82 -19.79 0.24
CA LYS A 78 1.70 -20.41 1.22
C LYS A 78 3.14 -19.95 1.01
N ALA A 79 3.57 -19.78 -0.24
CA ALA A 79 4.93 -19.29 -0.49
C ALA A 79 5.11 -17.87 0.05
N ALA A 80 4.09 -17.01 -0.11
CA ALA A 80 4.20 -15.64 0.38
C ALA A 80 4.16 -15.60 1.89
N CYS A 81 3.30 -16.41 2.51
CA CYS A 81 3.30 -16.48 3.96
C CYS A 81 4.68 -16.85 4.47
N GLU A 82 5.29 -17.88 3.89
CA GLU A 82 6.62 -18.33 4.31
C GLU A 82 7.69 -17.27 4.06
N TRP A 83 7.64 -16.63 2.88
CA TRP A 83 8.66 -15.66 2.53
C TRP A 83 8.66 -14.48 3.50
N ALA A 84 7.48 -14.00 3.89
CA ALA A 84 7.37 -12.79 4.68
C ALA A 84 7.17 -13.06 6.15
N GLY A 85 7.16 -14.33 6.57
CA GLY A 85 6.96 -14.65 7.97
C GLY A 85 5.56 -14.44 8.48
N ILE A 86 4.57 -14.73 7.64
CA ILE A 86 3.18 -14.50 7.97
C ILE A 86 2.53 -15.83 8.30
N LYS A 87 1.76 -15.83 9.42
CA LYS A 87 1.26 -17.02 10.02
C LYS A 87 -0.26 -16.89 9.70
N GLN A 88 -0.81 -17.87 8.96
CA GLN A 88 -2.18 -17.95 8.42
C GLN A 88 -2.99 -18.74 9.42
N GLU A 89 -4.16 -18.27 9.80
CA GLU A 89 -4.76 -18.74 11.04
C GLU A 89 -6.24 -18.82 10.67
N PHE A 90 -6.88 -19.94 10.95
CA PHE A 90 -8.30 -20.09 10.66
C PHE A 90 -9.12 -19.55 11.83
N GLY A 91 -10.23 -18.92 11.51
CA GLY A 91 -11.09 -18.40 12.54
C GLY A 91 -10.90 -16.92 12.70
N ILE A 92 -11.99 -16.25 13.07
CA ILE A 92 -12.05 -14.79 13.09
C ILE A 92 -11.53 -14.41 14.48
N PRO A 93 -10.52 -13.52 14.60
CA PRO A 93 -9.85 -13.31 15.90
C PRO A 93 -10.75 -13.26 17.13
N GLU A 103 -15.78 -6.38 10.76
CA GLU A 103 -16.86 -7.27 10.37
C GLU A 103 -17.79 -6.60 9.38
N SER A 104 -18.39 -5.49 9.81
CA SER A 104 -19.39 -4.78 9.03
C SER A 104 -18.78 -3.77 8.09
N MET A 105 -17.46 -3.79 7.89
CA MET A 105 -16.90 -2.84 6.95
C MET A 105 -17.09 -3.29 5.52
N ASN A 106 -17.14 -4.59 5.25
CA ASN A 106 -17.63 -5.01 3.94
C ASN A 106 -18.90 -4.23 3.62
N LYS A 107 -19.76 -4.06 4.62
CA LYS A 107 -20.99 -3.28 4.46
C LYS A 107 -20.74 -1.77 4.57
N GLU A 108 -19.82 -1.36 5.43
CA GLU A 108 -19.48 0.07 5.52
C GLU A 108 -18.68 0.51 4.29
N LEU A 109 -17.80 -0.37 3.80
CA LEU A 109 -17.04 -0.04 2.59
C LEU A 109 -17.97 0.10 1.39
N LYS A 110 -18.98 -0.77 1.30
CA LYS A 110 -19.88 -0.76 0.17
C LYS A 110 -20.80 0.46 0.15
N LYS A 111 -21.22 0.94 1.32
CA LYS A 111 -21.92 2.22 1.36
C LYS A 111 -21.08 3.31 0.72
N ILE A 112 -19.81 3.42 1.15
CA ILE A 112 -18.96 4.50 0.67
C ILE A 112 -18.68 4.37 -0.81
N ILE A 113 -18.34 3.15 -1.26
CA ILE A 113 -18.19 2.91 -2.70
C ILE A 113 -19.40 3.46 -3.44
N GLY A 114 -20.60 3.17 -2.92
CA GLY A 114 -21.81 3.64 -3.59
C GLY A 114 -21.94 5.14 -3.54
N GLN A 115 -21.66 5.73 -2.37
CA GLN A 115 -21.69 7.19 -2.28
C GLN A 115 -20.77 7.85 -3.29
N VAL A 116 -19.75 7.15 -3.77
CA VAL A 116 -18.73 7.76 -4.60
C VAL A 116 -18.61 7.13 -5.97
N ARG A 117 -19.37 6.07 -6.27
CA ARG A 117 -19.12 5.29 -7.48
C ARG A 117 -19.14 6.15 -8.74
N ASP A 118 -19.97 7.21 -8.78
CA ASP A 118 -20.08 7.99 -10.00
C ASP A 118 -18.86 8.87 -10.27
N GLN A 119 -17.89 8.93 -9.35
CA GLN A 119 -16.76 9.85 -9.47
C GLN A 119 -15.53 9.18 -10.09
N ALA A 120 -15.66 7.94 -10.55
CA ALA A 120 -14.56 7.26 -11.20
C ALA A 120 -15.12 6.26 -12.21
N GLU A 121 -14.38 6.07 -13.30
CA GLU A 121 -14.80 5.10 -14.30
C GLU A 121 -14.69 3.69 -13.73
N HIS A 122 -13.55 3.35 -13.13
CA HIS A 122 -13.27 1.97 -12.71
C HIS A 122 -13.69 1.73 -11.26
N LEU A 123 -14.42 0.62 -11.05
CA LEU A 123 -14.82 0.24 -9.70
C LEU A 123 -13.65 0.28 -8.76
N LYS A 124 -12.52 -0.27 -9.20
CA LYS A 124 -11.30 -0.33 -8.42
C LYS A 124 -10.85 1.04 -7.94
N THR A 125 -11.04 2.07 -8.76
CA THR A 125 -10.80 3.44 -8.30
C THR A 125 -11.80 3.83 -7.21
N ALA A 126 -13.09 3.58 -7.46
CA ALA A 126 -14.10 3.78 -6.42
C ALA A 126 -13.76 3.01 -5.14
N VAL A 127 -13.26 1.78 -5.27
CA VAL A 127 -12.84 1.04 -4.09
C VAL A 127 -11.78 1.83 -3.31
N GLN A 128 -10.77 2.35 -4.02
CA GLN A 128 -9.66 3.03 -3.33
C GLN A 128 -10.07 4.38 -2.76
N MET A 129 -11.03 5.04 -3.39
CA MET A 129 -11.67 6.22 -2.81
C MET A 129 -12.37 5.87 -1.50
N ALA A 130 -13.12 4.78 -1.50
CA ALA A 130 -13.80 4.36 -0.28
C ALA A 130 -12.81 3.97 0.81
N VAL A 131 -11.72 3.28 0.46
CA VAL A 131 -10.68 2.97 1.45
C VAL A 131 -10.16 4.26 2.09
N PHE A 132 -9.79 5.24 1.25
CA PHE A 132 -9.31 6.54 1.71
C PHE A 132 -10.25 7.15 2.73
N ILE A 133 -11.53 7.25 2.38
CA ILE A 133 -12.51 7.87 3.26
C ILE A 133 -12.62 7.08 4.55
N HIS A 134 -12.59 5.75 4.44
CA HIS A 134 -12.74 4.96 5.65
C HIS A 134 -11.59 5.16 6.61
N ASN A 135 -10.37 5.22 6.08
CA ASN A 135 -9.20 5.33 6.94
C ASN A 135 -8.94 6.74 7.45
N LYS A 136 -9.44 7.75 6.75
CA LYS A 136 -9.13 9.13 7.09
C LYS A 136 -10.17 9.77 8.00
N LYS A 137 -11.43 9.37 7.90
CA LYS A 137 -12.48 9.98 8.70
C LYS A 137 -12.38 9.62 10.19
N ARG A 138 -13.24 10.30 10.95
CA ARG A 138 -13.28 10.33 12.42
C ARG A 138 -12.07 11.08 13.01
N GLY A 143 -14.30 14.20 16.01
CA GLY A 143 -14.06 13.22 17.05
C GLY A 143 -12.61 13.10 17.50
N GLY A 144 -12.08 11.88 17.47
CA GLY A 144 -10.75 11.58 17.99
C GLY A 144 -9.76 11.11 16.93
N TYR A 145 -9.35 9.85 16.96
CA TYR A 145 -8.48 9.31 15.92
C TYR A 145 -9.22 8.51 14.86
N SER A 146 -8.74 8.64 13.63
CA SER A 146 -9.21 7.84 12.50
C SER A 146 -8.49 6.49 12.47
N ALA A 147 -9.01 5.55 11.67
CA ALA A 147 -8.34 4.26 11.51
C ALA A 147 -6.87 4.44 11.12
N GLY A 148 -6.59 5.37 10.21
CA GLY A 148 -5.20 5.55 9.76
C GLY A 148 -4.29 6.06 10.86
N GLU A 149 -4.80 6.93 11.71
CA GLU A 149 -3.99 7.43 12.83
C GLU A 149 -3.85 6.37 13.91
N ARG A 150 -4.89 5.55 14.11
CA ARG A 150 -4.84 4.51 15.12
C ARG A 150 -3.75 3.50 14.82
N ILE A 151 -3.74 2.92 13.61
CA ILE A 151 -2.77 1.87 13.32
C ILE A 151 -1.35 2.41 13.53
N VAL A 152 -1.14 3.68 13.18
CA VAL A 152 0.18 4.30 13.36
C VAL A 152 0.44 4.55 14.84
N ASP A 153 -0.55 5.07 15.57
CA ASP A 153 -0.43 5.16 17.02
C ASP A 153 -0.15 3.78 17.61
N ILE A 154 -0.91 2.75 17.20
CA ILE A 154 -0.70 1.41 17.76
C ILE A 154 0.72 0.92 17.46
N ILE A 155 1.22 1.19 16.26
CA ILE A 155 2.55 0.68 15.92
C ILE A 155 3.65 1.54 16.54
N ALA A 156 3.42 2.86 16.67
CA ALA A 156 4.43 3.71 17.30
C ALA A 156 4.69 3.28 18.73
N THR A 157 3.64 3.27 19.55
CA THR A 157 3.78 2.83 20.94
C THR A 157 4.53 1.50 21.03
N ASP A 158 4.13 0.53 20.22
CA ASP A 158 4.76 -0.79 20.26
C ASP A 158 6.26 -0.69 20.02
N ILE A 159 6.66 0.01 18.96
CA ILE A 159 8.08 0.25 18.73
C ILE A 159 8.70 0.88 19.97
N SER B 8 8.96 17.63 7.02
CA SER B 8 7.59 17.50 7.53
C SER B 8 6.93 16.26 6.94
N PRO B 9 5.90 15.75 7.63
CA PRO B 9 5.56 14.32 7.48
C PRO B 9 4.95 13.93 6.15
N GLY B 10 4.45 14.87 5.36
CA GLY B 10 3.66 14.51 4.19
C GLY B 10 4.37 14.75 2.87
N ILE B 11 5.69 14.88 2.91
CA ILE B 11 6.49 15.19 1.73
C ILE B 11 6.96 13.90 1.06
N TRP B 12 6.65 13.75 -0.22
CA TRP B 12 7.00 12.55 -0.98
C TRP B 12 7.63 12.96 -2.29
N GLN B 13 8.48 12.06 -2.81
CA GLN B 13 9.14 12.22 -4.10
C GLN B 13 8.75 11.06 -4.99
N LEU B 14 8.44 11.37 -6.24
CA LEU B 14 7.94 10.37 -7.17
C LEU B 14 8.84 10.34 -8.38
N ASP B 15 9.21 9.13 -8.81
CA ASP B 15 10.10 8.96 -9.95
C ASP B 15 9.82 7.63 -10.62
N CYS B 16 10.54 7.39 -11.73
CA CYS B 16 10.44 6.20 -12.55
C CYS B 16 11.80 5.51 -12.63
N THR B 17 11.78 4.18 -12.77
CA THR B 17 12.95 3.43 -13.19
C THR B 17 12.48 2.21 -13.98
N HIS B 18 13.43 1.52 -14.62
CA HIS B 18 13.08 0.50 -15.60
C HIS B 18 13.94 -0.74 -15.45
N LEU B 19 13.30 -1.90 -15.53
CA LEU B 19 13.97 -3.18 -15.68
C LEU B 19 13.13 -4.05 -16.60
N GLU B 20 13.81 -4.84 -17.45
CA GLU B 20 13.15 -5.88 -18.23
C GLU B 20 12.06 -5.33 -19.13
N GLY B 21 12.30 -4.14 -19.69
CA GLY B 21 11.32 -3.54 -20.57
C GLY B 21 10.08 -3.04 -19.89
N LYS B 22 10.12 -2.86 -18.57
CA LYS B 22 8.96 -2.46 -17.81
C LYS B 22 9.27 -1.22 -16.98
N VAL B 23 8.20 -0.55 -16.55
CA VAL B 23 8.30 0.71 -15.81
C VAL B 23 7.93 0.44 -14.36
N ILE B 24 8.78 0.89 -13.45
CA ILE B 24 8.56 0.79 -12.01
C ILE B 24 8.35 2.20 -11.48
N LEU B 25 7.15 2.48 -10.97
CA LEU B 25 6.86 3.74 -10.31
C LEU B 25 7.24 3.64 -8.85
N VAL B 26 7.97 4.63 -8.36
CA VAL B 26 8.57 4.62 -7.04
C VAL B 26 8.19 5.90 -6.32
N ALA B 27 7.56 5.77 -5.16
CA ALA B 27 7.35 6.85 -4.22
C ALA B 27 8.30 6.68 -3.05
N VAL B 28 9.00 7.76 -2.70
CA VAL B 28 9.88 7.78 -1.52
C VAL B 28 9.36 8.80 -0.52
N HIS B 29 9.19 8.36 0.72
CA HIS B 29 8.92 9.28 1.82
C HIS B 29 10.24 9.92 2.21
N VAL B 30 10.39 11.20 1.87
CA VAL B 30 11.72 11.81 1.88
C VAL B 30 12.35 11.73 3.27
N ALA B 31 11.55 11.91 4.32
CA ALA B 31 12.15 12.05 5.64
C ALA B 31 12.61 10.73 6.24
N SER B 32 12.01 9.62 5.82
CA SER B 32 12.35 8.31 6.34
C SER B 32 13.14 7.43 5.38
N GLY B 33 13.03 7.64 4.08
CA GLY B 33 13.46 6.66 3.11
C GLY B 33 12.48 5.53 2.86
N TYR B 34 11.34 5.53 3.52
CA TYR B 34 10.31 4.54 3.22
C TYR B 34 9.89 4.62 1.76
N ILE B 35 9.60 3.46 1.17
CA ILE B 35 9.29 3.41 -0.25
C ILE B 35 8.09 2.53 -0.53
N GLU B 36 7.38 2.91 -1.59
CA GLU B 36 6.38 2.08 -2.23
C GLU B 36 6.64 2.14 -3.74
N ALA B 37 6.46 1.02 -4.41
CA ALA B 37 6.71 0.91 -5.84
C ALA B 37 5.67 0.00 -6.44
N GLU B 38 5.56 0.07 -7.77
CA GLU B 38 4.65 -0.76 -8.55
C GLU B 38 5.12 -0.73 -10.00
N VAL B 39 4.85 -1.81 -10.73
CA VAL B 39 5.11 -1.83 -12.17
C VAL B 39 3.93 -1.18 -12.88
N ILE B 40 4.21 -0.12 -13.64
CA ILE B 40 3.16 0.60 -14.37
C ILE B 40 3.35 0.52 -15.88
N THR B 44 2.62 6.49 -17.98
CA THR B 44 1.18 6.29 -17.96
C THR B 44 0.45 7.55 -17.49
N GLY B 45 -0.84 7.37 -17.20
CA GLY B 45 -1.65 8.41 -16.60
C GLY B 45 -2.54 7.82 -15.51
N GLN B 46 -3.59 7.08 -15.89
CA GLN B 46 -4.50 6.53 -14.90
C GLN B 46 -3.78 5.66 -13.89
N GLU B 47 -2.72 4.98 -14.35
CA GLU B 47 -1.95 4.08 -13.50
C GLU B 47 -1.29 4.83 -12.36
N THR B 48 -0.66 5.96 -12.68
CA THR B 48 -0.02 6.80 -11.67
C THR B 48 -1.04 7.45 -10.77
N ALA B 49 -2.20 7.84 -11.33
CA ALA B 49 -3.26 8.40 -10.50
C ALA B 49 -3.74 7.39 -9.46
N TYR B 50 -3.91 6.13 -9.89
CA TYR B 50 -4.35 5.07 -9.00
C TYR B 50 -3.32 4.85 -7.90
N PHE B 51 -2.05 4.74 -8.28
CA PHE B 51 -0.95 4.56 -7.33
C PHE B 51 -0.95 5.66 -6.27
N LEU B 52 -1.16 6.91 -6.72
CA LEU B 52 -1.21 8.05 -5.82
C LEU B 52 -2.40 7.98 -4.88
N LEU B 53 -3.60 7.67 -5.41
CA LEU B 53 -4.77 7.63 -4.55
C LEU B 53 -4.60 6.58 -3.46
N LYS B 54 -4.05 5.43 -3.81
CA LYS B 54 -3.84 4.38 -2.83
C LYS B 54 -2.82 4.82 -1.78
N LEU B 55 -1.70 5.39 -2.22
CA LEU B 55 -0.71 5.91 -1.28
C LEU B 55 -1.36 6.88 -0.30
N ALA B 56 -2.09 7.87 -0.83
CA ALA B 56 -2.66 8.89 0.04
C ALA B 56 -3.70 8.32 0.99
N GLY B 57 -4.39 7.24 0.60
CA GLY B 57 -5.33 6.62 1.53
C GLY B 57 -4.67 5.99 2.74
N ARG B 58 -3.39 5.64 2.61
CA ARG B 58 -2.64 4.86 3.58
C ARG B 58 -1.71 5.72 4.43
N TRP B 59 -1.10 6.73 3.85
CA TRP B 59 -0.20 7.68 4.50
C TRP B 59 -0.73 9.08 4.34
N PRO B 60 -0.26 10.02 5.17
CA PRO B 60 -0.46 11.44 4.83
C PRO B 60 0.39 11.75 3.60
N VAL B 61 -0.26 12.17 2.53
CA VAL B 61 0.42 12.60 1.32
C VAL B 61 -0.06 14.01 1.01
N LYS B 62 0.81 14.98 1.23
CA LYS B 62 0.50 16.40 1.06
C LYS B 62 1.28 17.06 -0.05
N THR B 63 2.54 16.70 -0.24
CA THR B 63 3.30 17.20 -1.38
C THR B 63 4.08 16.07 -2.03
N VAL B 64 3.91 15.91 -3.34
CA VAL B 64 4.62 14.93 -4.15
C VAL B 64 5.52 15.71 -5.09
N HIS B 65 6.83 15.55 -4.93
CA HIS B 65 7.79 16.16 -5.84
C HIS B 65 8.11 15.21 -6.99
N THR B 66 8.14 15.74 -8.21
CA THR B 66 8.75 15.08 -9.35
C THR B 66 9.69 16.08 -10.02
N ASP B 67 10.66 15.59 -10.79
CA ASP B 67 11.61 16.50 -11.43
C ASP B 67 11.56 16.43 -12.95
N ASN B 68 10.45 15.95 -13.53
CA ASN B 68 10.25 16.04 -14.97
C ASN B 68 8.82 16.47 -15.24
N GLY B 69 8.48 16.62 -16.52
CA GLY B 69 7.19 17.17 -16.86
C GLY B 69 6.08 16.17 -17.09
N SER B 70 6.39 14.88 -17.11
CA SER B 70 5.41 13.88 -17.51
C SER B 70 4.14 13.99 -16.68
N ASN B 71 4.28 14.07 -15.36
CA ASN B 71 3.12 14.01 -14.49
C ASN B 71 2.23 15.25 -14.58
N PHE B 72 2.72 16.33 -15.16
CA PHE B 72 1.94 17.56 -15.29
C PHE B 72 1.03 17.54 -16.50
N THR B 73 1.10 16.49 -17.32
CA THR B 73 0.35 16.41 -18.57
C THR B 73 -0.79 15.40 -18.51
N SER B 74 -1.02 14.78 -17.37
CA SER B 74 -2.00 13.73 -17.22
C SER B 74 -3.26 14.28 -16.56
N THR B 75 -4.37 14.19 -17.25
CA THR B 75 -5.60 14.75 -16.72
C THR B 75 -6.03 13.97 -15.47
N THR B 76 -5.84 12.66 -15.50
CA THR B 76 -6.28 11.77 -14.42
C THR B 76 -5.41 11.90 -13.18
N VAL B 77 -4.08 11.92 -13.39
CA VAL B 77 -3.13 12.10 -12.30
C VAL B 77 -3.61 13.25 -11.45
N LYS B 78 -4.08 14.26 -12.09
CA LYS B 78 -4.29 15.45 -11.32
C LYS B 78 -5.75 15.60 -10.82
N ALA B 79 -6.75 14.99 -11.46
CA ALA B 79 -8.03 14.79 -10.76
C ALA B 79 -7.78 14.07 -9.44
N ALA B 80 -6.81 13.14 -9.44
CA ALA B 80 -6.44 12.43 -8.22
C ALA B 80 -5.76 13.38 -7.23
N CYS B 81 -4.86 14.23 -7.72
CA CYS B 81 -4.29 15.25 -6.85
C CYS B 81 -5.38 16.08 -6.19
N GLU B 82 -6.28 16.66 -6.99
CA GLU B 82 -7.38 17.44 -6.44
C GLU B 82 -8.22 16.61 -5.47
N TRP B 83 -8.64 15.42 -5.90
CA TRP B 83 -9.54 14.62 -5.08
C TRP B 83 -8.97 14.37 -3.70
N ALA B 84 -7.70 13.98 -3.62
CA ALA B 84 -7.10 13.62 -2.35
C ALA B 84 -6.33 14.75 -1.69
N GLY B 85 -6.35 15.94 -2.28
CA GLY B 85 -5.68 17.08 -1.67
C GLY B 85 -4.18 17.00 -1.66
N ILE B 86 -3.57 16.56 -2.77
CA ILE B 86 -2.13 16.42 -2.91
C ILE B 86 -1.61 17.53 -3.81
N LYS B 87 -0.58 18.24 -3.33
CA LYS B 87 0.11 19.26 -4.12
C LYS B 87 1.24 18.59 -4.91
N GLN B 88 1.28 18.84 -6.21
CA GLN B 88 2.34 18.29 -7.06
C GLN B 88 3.26 19.43 -7.44
N GLU B 89 4.45 19.44 -6.85
CA GLU B 89 5.48 20.44 -7.10
C GLU B 89 6.55 19.86 -8.02
N PHE B 90 7.19 20.74 -8.77
CA PHE B 90 8.33 20.37 -9.59
C PHE B 90 9.62 20.57 -8.80
N GLY B 91 10.58 19.68 -9.03
CA GLY B 91 11.88 19.80 -8.42
C GLY B 91 11.97 19.03 -7.10
N ILE B 92 13.20 18.68 -6.73
CA ILE B 92 13.42 17.82 -5.58
C ILE B 92 13.52 18.67 -4.32
N PRO B 93 12.96 18.19 -3.19
CA PRO B 93 12.91 19.02 -1.96
C PRO B 93 14.29 19.24 -1.35
N VAL B 101 17.19 11.65 -3.42
CA VAL B 101 17.24 10.44 -2.62
C VAL B 101 16.75 9.25 -3.44
N ILE B 102 15.94 9.54 -4.45
CA ILE B 102 15.25 8.48 -5.18
C ILE B 102 16.11 7.85 -6.26
N GLU B 103 17.20 8.50 -6.68
CA GLU B 103 18.02 7.93 -7.75
C GLU B 103 19.13 7.02 -7.23
N SER B 104 19.73 7.35 -6.09
CA SER B 104 20.46 6.31 -5.36
C SER B 104 19.49 5.29 -4.79
N MET B 105 18.26 5.72 -4.51
CA MET B 105 17.21 4.79 -4.10
C MET B 105 16.94 3.77 -5.21
N ASN B 106 16.79 4.26 -6.44
CA ASN B 106 16.57 3.37 -7.57
C ASN B 106 17.71 2.36 -7.72
N LYS B 107 18.95 2.78 -7.41
CA LYS B 107 20.11 1.90 -7.56
C LYS B 107 20.11 0.88 -6.43
N GLU B 108 19.71 1.33 -5.24
CA GLU B 108 19.45 0.38 -4.17
C GLU B 108 18.25 -0.47 -4.63
N LEU B 109 17.07 0.10 -5.00
CA LEU B 109 15.94 -0.84 -5.22
C LEU B 109 16.33 -1.95 -6.24
N LYS B 110 17.16 -1.59 -7.22
CA LYS B 110 17.50 -2.50 -8.30
C LYS B 110 18.48 -3.59 -7.85
N LYS B 111 19.45 -3.24 -6.99
CA LYS B 111 20.32 -4.27 -6.41
C LYS B 111 19.54 -5.33 -5.69
N ILE B 112 18.55 -4.94 -4.89
CA ILE B 112 17.80 -5.93 -4.12
C ILE B 112 16.92 -6.76 -5.04
N ILE B 113 16.21 -6.09 -5.96
CA ILE B 113 15.49 -6.83 -7.00
C ILE B 113 16.41 -7.87 -7.61
N GLY B 114 17.67 -7.50 -7.84
CA GLY B 114 18.61 -8.43 -8.44
C GLY B 114 18.85 -9.64 -7.56
N GLN B 115 18.91 -9.44 -6.25
CA GLN B 115 19.19 -10.54 -5.34
C GLN B 115 18.03 -11.52 -5.26
N VAL B 116 16.80 -11.07 -5.49
CA VAL B 116 15.64 -11.93 -5.34
C VAL B 116 15.02 -12.31 -6.67
N ARG B 117 15.54 -11.82 -7.80
CA ARG B 117 14.79 -11.93 -9.03
C ARG B 117 14.40 -13.37 -9.34
N ASP B 118 15.23 -14.34 -8.98
CA ASP B 118 14.92 -15.74 -9.28
C ASP B 118 14.04 -16.39 -8.20
N GLN B 119 13.54 -15.62 -7.24
CA GLN B 119 12.65 -16.15 -6.22
C GLN B 119 11.19 -15.95 -6.57
N ALA B 120 10.89 -15.30 -7.70
CA ALA B 120 9.52 -15.12 -8.12
C ALA B 120 9.46 -15.20 -9.64
N GLU B 121 8.28 -15.55 -10.14
CA GLU B 121 8.07 -15.56 -11.59
C GLU B 121 8.05 -14.13 -12.12
N HIS B 122 7.11 -13.32 -11.65
CA HIS B 122 6.89 -12.00 -12.24
C HIS B 122 7.76 -10.92 -11.61
N LEU B 123 8.25 -10.02 -12.46
CA LEU B 123 9.01 -8.87 -11.98
C LEU B 123 8.24 -8.16 -10.90
N LYS B 124 6.92 -8.02 -11.09
CA LYS B 124 6.10 -7.35 -10.09
C LYS B 124 6.40 -7.88 -8.69
N THR B 125 6.51 -9.20 -8.56
CA THR B 125 6.74 -9.84 -7.26
C THR B 125 8.13 -9.51 -6.73
N ALA B 126 9.15 -9.74 -7.55
CA ALA B 126 10.51 -9.34 -7.20
C ALA B 126 10.59 -7.89 -6.75
N VAL B 127 9.89 -6.98 -7.45
CA VAL B 127 9.85 -5.60 -7.02
C VAL B 127 9.34 -5.49 -5.59
N GLN B 128 8.23 -6.18 -5.28
CA GLN B 128 7.62 -6.02 -3.98
C GLN B 128 8.43 -6.72 -2.89
N MET B 129 9.17 -7.77 -3.24
CA MET B 129 10.07 -8.36 -2.25
C MET B 129 11.21 -7.39 -1.96
N ALA B 130 11.70 -6.70 -2.99
CA ALA B 130 12.74 -5.70 -2.80
C ALA B 130 12.24 -4.52 -1.97
N VAL B 131 10.99 -4.10 -2.17
CA VAL B 131 10.42 -3.05 -1.31
C VAL B 131 10.44 -3.50 0.14
N PHE B 132 9.94 -4.72 0.40
CA PHE B 132 9.87 -5.28 1.74
C PHE B 132 11.24 -5.24 2.41
N ILE B 133 12.25 -5.80 1.74
CA ILE B 133 13.59 -5.79 2.31
C ILE B 133 14.03 -4.37 2.60
N HIS B 134 13.83 -3.46 1.65
CA HIS B 134 14.32 -2.10 1.83
C HIS B 134 13.69 -1.43 3.04
N ASN B 135 12.38 -1.63 3.22
CA ASN B 135 11.66 -0.98 4.30
C ASN B 135 11.88 -1.63 5.65
N LYS B 136 12.23 -2.91 5.65
CA LYS B 136 12.29 -3.68 6.89
C LYS B 136 13.68 -3.71 7.51
N LYS B 137 14.73 -3.65 6.70
CA LYS B 137 16.08 -3.70 7.22
C LYS B 137 16.48 -2.38 7.89
N ARG B 138 17.46 -2.49 8.77
CA ARG B 138 18.04 -1.34 9.47
C ARG B 138 19.34 -0.90 8.78
N LYS B 139 19.44 0.39 8.53
CA LYS B 139 20.64 1.05 7.98
C LYS B 139 21.90 0.62 8.69
N GLY B 143 21.38 -1.85 14.11
CA GLY B 143 20.65 -0.95 15.00
C GLY B 143 20.04 0.27 14.34
N GLY B 144 19.11 0.93 15.04
CA GLY B 144 18.52 2.17 14.57
C GLY B 144 17.47 1.96 13.49
N TYR B 145 16.30 2.55 13.71
CA TYR B 145 15.08 2.09 13.06
C TYR B 145 15.20 1.83 11.56
N SER B 146 14.31 1.00 11.04
CA SER B 146 14.17 0.81 9.61
C SER B 146 13.32 1.92 8.99
N ALA B 147 13.32 1.97 7.66
CA ALA B 147 12.51 2.98 6.98
C ALA B 147 11.06 2.84 7.43
N GLY B 148 10.55 1.61 7.47
CA GLY B 148 9.18 1.40 7.90
C GLY B 148 8.89 1.91 9.30
N GLU B 149 9.82 1.71 10.22
CA GLU B 149 9.64 2.23 11.56
C GLU B 149 9.79 3.76 11.59
N ARG B 150 10.71 4.31 10.80
CA ARG B 150 10.87 5.75 10.83
C ARG B 150 9.66 6.48 10.28
N ILE B 151 9.03 5.98 9.21
CA ILE B 151 7.88 6.74 8.70
C ILE B 151 6.76 6.73 9.76
N VAL B 152 6.58 5.62 10.47
CA VAL B 152 5.63 5.55 11.59
C VAL B 152 6.06 6.41 12.76
N ASP B 153 7.32 6.32 13.20
CA ASP B 153 7.73 7.22 14.27
C ASP B 153 7.48 8.68 13.87
N ILE B 154 7.85 9.04 12.64
CA ILE B 154 7.66 10.40 12.16
C ILE B 154 6.19 10.80 12.23
N ILE B 155 5.29 9.91 11.82
CA ILE B 155 3.87 10.27 11.82
C ILE B 155 3.28 10.23 13.23
N ALA B 156 3.75 9.31 14.08
CA ALA B 156 3.29 9.30 15.47
C ALA B 156 3.63 10.62 16.15
N THR B 157 4.91 10.99 16.12
CA THR B 157 5.40 12.24 16.67
C THR B 157 4.53 13.42 16.29
N ASP B 158 4.05 13.43 15.04
CA ASP B 158 3.36 14.59 14.50
C ASP B 158 2.00 14.84 15.16
N ILE B 159 1.46 13.85 15.86
CA ILE B 159 0.12 13.97 16.42
C ILE B 159 0.16 14.12 17.95
S SO4 C . -20.48 -10.79 0.00
O1 SO4 C . -19.88 -10.09 1.13
O2 SO4 C . -20.24 -10.07 -1.24
O3 SO4 C . -19.87 -12.11 -0.12
O4 SO4 C . -21.91 -10.93 0.23
S SO4 D . -2.19 -21.32 -6.79
O1 SO4 D . -3.15 -20.55 -6.01
O2 SO4 D . -2.38 -21.01 -8.21
O3 SO4 D . -0.83 -20.96 -6.40
O4 SO4 D . -2.37 -22.75 -6.55
I IOD E . -12.71 -3.23 -11.50
I IOD F . -21.52 -9.42 -7.52
I IOD G . -2.28 -5.40 -4.98
S SO4 H . 16.72 4.26 -14.91
O1 SO4 H . 15.36 4.52 -15.35
O2 SO4 H . 17.65 4.96 -15.80
O3 SO4 H . 16.92 4.72 -13.54
O4 SO4 H . 16.95 2.81 -14.97
S SO4 I . 17.41 -8.10 -11.88
O1 SO4 I . 17.84 -6.84 -11.28
O2 SO4 I . 17.08 -7.90 -13.29
O3 SO4 I . 16.21 -8.56 -11.18
O4 SO4 I . 18.46 -9.10 -11.76
S SO4 J . 3.42 18.23 5.99
O1 SO4 J . 2.59 19.06 5.12
O2 SO4 J . 3.51 18.84 7.31
O3 SO4 J . 4.75 18.10 5.39
O4 SO4 J . 2.78 16.92 6.11
S SO4 K . -4.44 11.01 -18.79
O1 SO4 K . -2.98 11.03 -18.98
O2 SO4 K . -5.04 12.15 -19.46
O3 SO4 K . -4.70 11.08 -17.35
O4 SO4 K . -4.97 9.75 -19.30
C10 6I2 L . -6.35 2.06 -13.32
C13 6I2 L . -5.25 -0.43 -13.89
C15 6I2 L . -4.24 -0.57 -11.53
C17 6I2 L . -2.18 -1.69 -11.78
C20 6I2 L . -1.36 -4.99 -10.05
C21 6I2 L . -2.40 -6.04 -9.48
C24 6I2 L . -0.56 -9.26 -10.10
C26 6I2 L . 0.46 -11.38 -9.65
C28 6I2 L . 2.00 -12.64 -7.79
C01 6I2 L . -9.87 10.96 -9.50
C02 6I2 L . -9.12 9.65 -9.72
C03 6I2 L . -8.22 9.17 -8.75
C04 6I2 L . -7.54 7.96 -8.96
C05 6I2 L . -7.77 7.23 -10.16
C07 6I2 L . -7.76 5.77 -11.78
C08 6I2 L . -7.32 4.48 -12.50
C09 6I2 L . -6.92 3.44 -12.93
C11 6I2 L . -6.55 1.49 -14.57
C12 6I2 L . -6.00 0.25 -14.86
C14 6I2 L . -5.05 0.14 -12.64
C18 6I2 L . -1.42 -2.96 -11.38
C23 6I2 L . -0.83 -7.79 -9.66
C25 6I2 L . 0.20 -10.06 -9.27
C27 6I2 L . 1.32 -12.17 -8.64
C29 6I2 L . 2.87 -13.15 -6.63
C30 6I2 L . 3.66 -14.31 -6.67
C31 6I2 L . 3.85 -15.29 -7.82
C32 6I2 L . 5.23 -15.06 -8.51
C35 6I2 L . 4.26 -14.35 -5.35
C36 6I2 L . 5.15 -15.24 -4.73
C37 6I2 L . 5.56 -14.99 -3.42
C38 6I2 L . 6.53 -15.97 -2.77
C39 6I2 L . 5.08 -13.87 -2.74
C40 6I2 L . 4.19 -12.98 -3.34
C41 6I2 L . 3.78 -13.24 -4.66
C43 6I2 L . -0.03 -11.90 -10.83
C44 6I2 L . -0.80 -11.09 -11.65
C45 6I2 L . -1.07 -9.76 -11.29
C46 6I2 L . -3.45 -4.10 -10.87
C47 6I2 L . -4.31 -2.88 -11.23
C48 6I2 L . -5.61 1.39 -12.34
C49 6I2 L . -8.66 6.75 -12.22
C50 6I2 L . -9.48 6.80 -13.52
C51 6I2 L . -10.95 6.47 -13.23
C54 6I2 L . -8.66 7.71 -11.12
C55 6I2 L . -9.34 8.93 -10.90
N16 6I2 L . -3.64 -1.84 -12.00
N19 6I2 L . -2.13 -3.74 -10.38
N22 6I2 L . -2.15 -7.36 -10.09
O06 6I2 L . -7.26 6.09 -10.60
O33 6I2 L . 5.48 -13.94 -9.02
O34 6I2 L . 6.11 -15.98 -8.53
O42 6I2 L . 2.96 -12.56 -5.47
O52 6I2 L . -11.87 7.28 -13.52
O53 6I2 L . -11.24 5.38 -12.69
I IOD M . 14.65 -1.53 -19.51
I IOD N . 5.45 -8.20 -14.37
#